data_5I1I
#
_entry.id   5I1I
#
_cell.length_a   68.050
_cell.length_b   68.050
_cell.length_c   95.590
_cell.angle_alpha   90.00
_cell.angle_beta   90.00
_cell.angle_gamma   120.00
#
_symmetry.space_group_name_H-M   'P 31'
#
loop_
_entity.id
_entity.type
_entity.pdbx_description
1 polymer 'FAB LIGHT CHAIN'
2 polymer 'FAB HEAVY CHAIN'
3 water water
#
loop_
_entity_poly.entity_id
_entity_poly.type
_entity_poly.pdbx_seq_one_letter_code
_entity_poly.pdbx_strand_id
1 'polypeptide(L)'
;DIVMTQSPDSLAVSLGERATINCKSSQSVLYSSNNKNYLAWYQQKPGQPPKLLIYWASTRESGVPDRFSGSGSGTDFTLT
ISSLQAEDVAVYYCQQYYSTPLTFGQGTKVEIKRTVAAPSVFIFPPSDEQLKSGTASVVCLLNNFYPREAKVQWKVDNAL
QSGNSQESVTEQDSKDSTYSLSSTLTLSKADYEKHKVYACEVTHQGLSSPVTKSFNRGEC
;
L
2 'polypeptide(L)'
;EVQLVETGGGLIQPGGSLRLSCAASGFTVSSNYMSWVRQAPGKGLEWVSVIYSGGSTYYADSVKGRFTISRDNSKNTLYL
QMNSLRAEDTAVYYCARYDGIYGELDFWGQGTLVTVSSASTKGPSVFPLAPSSKSTSGGTAALGCLVKDYFPEPVTVSWN
SGALTSGVHTFPAVLQSSGLYSLSSVVTVPSSSLGTQTYICNVNHKPSNTKVDKKVEPKSCHHHHHH
;
H
#
# COMPACT_ATOMS: atom_id res chain seq x y z
N ASP A 1 2.77 20.64 -21.07
CA ASP A 1 2.78 19.73 -19.87
C ASP A 1 4.03 19.92 -19.04
N ILE A 2 3.86 20.58 -17.90
CA ILE A 2 4.94 20.85 -16.95
C ILE A 2 5.38 19.55 -16.27
N VAL A 3 6.69 19.35 -16.20
CA VAL A 3 7.27 18.15 -15.62
C VAL A 3 7.84 18.46 -14.23
N MET A 4 7.39 17.72 -13.23
CA MET A 4 7.90 17.86 -11.86
C MET A 4 8.84 16.70 -11.53
N THR A 5 10.11 17.01 -11.30
CA THR A 5 11.09 16.01 -10.85
C THR A 5 11.45 16.21 -9.38
N GLN A 6 11.37 15.13 -8.61
CA GLN A 6 11.71 15.13 -7.19
C GLN A 6 13.06 14.48 -6.91
N SER A 7 13.78 15.06 -5.98
CA SER A 7 15.08 14.55 -5.55
C SER A 7 15.20 14.65 -4.03
N PRO A 8 15.58 13.54 -3.36
CA PRO A 8 15.94 12.22 -3.89
C PRO A 8 14.72 11.32 -4.13
N ASP A 9 14.95 10.02 -4.33
CA ASP A 9 13.87 9.03 -4.38
C ASP A 9 13.59 8.46 -2.99
N SER A 10 14.66 8.15 -2.28
CA SER A 10 14.57 7.54 -0.95
C SER A 10 15.26 8.41 0.09
N LEU A 11 14.80 8.30 1.33
CA LEU A 11 15.31 9.09 2.44
C LEU A 11 14.97 8.43 3.77
N ALA A 12 15.92 8.48 4.71
CA ALA A 12 15.70 7.99 6.07
C ALA A 12 16.51 8.85 7.03
N VAL A 13 15.83 9.45 8.00
CA VAL A 13 16.49 10.25 9.04
C VAL A 13 15.94 9.93 10.42
N SER A 14 16.81 10.07 11.42
CA SER A 14 16.54 9.73 12.82
C SER A 14 15.49 10.66 13.43
N LEU A 15 14.87 10.24 14.53
CA LEU A 15 13.80 11.03 15.17
C LEU A 15 14.26 12.41 15.66
N GLY A 16 13.33 13.36 15.64
CA GLY A 16 13.61 14.73 16.07
C GLY A 16 14.54 15.50 15.15
N GLU A 17 15.22 14.77 14.25
CA GLU A 17 16.12 15.37 13.26
C GLU A 17 15.38 15.85 12.01
N ARG A 18 16.15 16.25 10.99
CA ARG A 18 15.61 17.01 9.86
C ARG A 18 15.71 16.28 8.51
N ALA A 19 14.55 16.10 7.87
CA ALA A 19 14.48 15.56 6.52
C ALA A 19 14.06 16.66 5.58
N THR A 20 14.63 16.66 4.38
CA THR A 20 14.36 17.68 3.38
C THR A 20 14.22 17.04 2.00
N ILE A 21 13.24 17.51 1.23
CA ILE A 21 12.93 16.94 -0.07
C ILE A 21 12.79 18.06 -1.10
N ASN A 22 13.35 17.85 -2.29
CA ASN A 22 13.37 18.85 -3.37
C ASN A 22 12.33 18.57 -4.47
N CYS A 23 12.00 19.62 -5.23
CA CYS A 23 11.09 19.50 -6.38
C CYS A 23 11.40 20.58 -7.42
N LYS A 24 11.59 20.16 -8.67
CA LYS A 24 11.90 21.10 -9.75
C LYS A 24 10.90 21.06 -10.88
N SER A 25 10.33 22.23 -11.22
CA SER A 25 9.39 22.35 -12.34
C SER A 25 10.03 22.93 -13.60
N SER A 26 9.61 22.42 -14.76
CA SER A 26 10.16 22.80 -16.06
C SER A 26 9.80 24.23 -16.50
N GLN A 27 8.76 24.79 -15.87
CA GLN A 27 8.34 26.17 -16.06
C GLN A 27 7.98 26.77 -14.70
N SER A 28 8.21 28.08 -14.54
CA SER A 28 7.78 28.80 -13.34
C SER A 28 6.28 28.65 -13.09
N VAL A 29 5.92 28.55 -11.82
CA VAL A 29 4.51 28.50 -11.41
C VAL A 29 4.09 29.77 -10.65
N LEU A 30 4.99 30.76 -10.62
CA LEU A 30 4.74 32.05 -10.00
C LEU A 30 3.86 32.93 -10.87
N TYR A 31 2.60 33.07 -10.46
CA TYR A 31 1.62 33.90 -11.15
C TYR A 31 1.78 35.36 -10.70
N SER A 32 2.05 36.25 -11.65
CA SER A 32 2.39 37.65 -11.38
C SER A 32 1.25 38.48 -10.80
N SER A 33 0.02 38.10 -11.16
CA SER A 33 -1.19 38.79 -10.72
C SER A 33 -1.36 38.80 -9.20
N ASN A 34 -1.08 37.67 -8.56
CA ASN A 34 -1.14 37.56 -7.08
C ASN A 34 0.20 37.33 -6.39
N ASN A 35 1.22 36.99 -7.18
CA ASN A 35 2.58 36.66 -6.71
C ASN A 35 2.66 35.51 -5.69
N LYS A 36 1.70 34.60 -5.78
CA LYS A 36 1.67 33.38 -4.97
C LYS A 36 1.87 32.18 -5.88
N ASN A 37 2.94 31.41 -5.60
CA ASN A 37 3.32 30.24 -6.41
C ASN A 37 2.24 29.16 -6.48
N TYR A 38 2.06 28.60 -7.67
CA TYR A 38 1.08 27.54 -7.86
C TYR A 38 1.74 26.16 -7.73
N LEU A 39 2.04 25.81 -6.47
CA LEU A 39 2.68 24.55 -6.11
C LEU A 39 2.14 24.03 -4.78
N ALA A 40 2.08 22.71 -4.66
CA ALA A 40 1.55 22.07 -3.46
C ALA A 40 2.39 20.87 -3.04
N TRP A 41 2.35 20.56 -1.74
CA TRP A 41 3.03 19.40 -1.19
C TRP A 41 2.02 18.51 -0.49
N TYR A 42 2.15 17.20 -0.71
CA TYR A 42 1.23 16.21 -0.18
C TYR A 42 1.96 15.15 0.63
N GLN A 43 1.26 14.60 1.62
CA GLN A 43 1.73 13.50 2.41
C GLN A 43 0.78 12.34 2.13
N GLN A 44 1.32 11.18 1.76
CA GLN A 44 0.51 9.99 1.57
C GLN A 44 1.00 8.82 2.41
N LYS A 45 0.17 8.44 3.38
CA LYS A 45 0.43 7.29 4.25
C LYS A 45 -0.01 6.02 3.53
N PRO A 46 0.41 4.83 4.01
CA PRO A 46 0.06 3.61 3.28
C PRO A 46 -1.45 3.31 3.33
N GLY A 47 -2.02 3.05 2.15
CA GLY A 47 -3.45 2.74 2.02
C GLY A 47 -4.39 3.94 2.22
N GLN A 48 -3.83 5.15 2.16
CA GLN A 48 -4.60 6.36 2.38
C GLN A 48 -4.47 7.32 1.22
N PRO A 49 -5.48 8.19 1.01
CA PRO A 49 -5.35 9.21 -0.04
C PRO A 49 -4.32 10.26 0.34
N PRO A 50 -3.75 10.97 -0.65
CA PRO A 50 -2.79 12.01 -0.28
C PRO A 50 -3.47 13.08 0.58
N LYS A 51 -2.72 13.69 1.47
CA LYS A 51 -3.23 14.76 2.31
C LYS A 51 -2.42 16.00 2.00
N LEU A 52 -3.08 17.09 1.61
CA LEU A 52 -2.39 18.36 1.33
C LEU A 52 -1.75 18.93 2.61
N LEU A 53 -0.50 19.35 2.49
CA LEU A 53 0.22 19.94 3.63
C LEU A 53 0.44 21.43 3.39
N ILE A 54 0.83 21.77 2.17
CA ILE A 54 1.29 23.11 1.84
C ILE A 54 0.70 23.55 0.50
N TYR A 55 -0.04 24.66 0.52
CA TYR A 55 -0.60 25.29 -0.69
C TYR A 55 0.04 26.66 -0.94
N TRP A 56 -0.05 27.13 -2.19
CA TRP A 56 0.63 28.35 -2.66
C TRP A 56 2.13 28.38 -2.28
N ALA A 57 2.72 27.19 -2.19
CA ALA A 57 4.18 26.98 -2.05
C ALA A 57 4.77 26.99 -0.62
N SER A 58 4.19 27.77 0.29
CA SER A 58 4.76 27.95 1.63
C SER A 58 3.73 28.22 2.72
N THR A 59 2.47 27.87 2.45
CA THR A 59 1.40 28.10 3.41
C THR A 59 0.85 26.78 3.97
N ARG A 60 1.11 26.54 5.25
CA ARG A 60 0.57 25.38 5.95
C ARG A 60 -0.96 25.37 5.97
N GLU A 61 -1.54 24.27 5.51
CA GLU A 61 -2.98 24.02 5.62
C GLU A 61 -3.34 23.92 7.10
N SER A 62 -4.57 24.30 7.43
CA SER A 62 -5.05 24.25 8.81
C SER A 62 -4.98 22.84 9.37
N GLY A 63 -4.59 22.71 10.63
CA GLY A 63 -4.49 21.42 11.31
C GLY A 63 -3.19 20.67 11.04
N VAL A 64 -2.27 21.33 10.35
CA VAL A 64 -0.97 20.74 10.02
C VAL A 64 0.10 21.31 10.96
N PRO A 65 0.92 20.43 11.56
CA PRO A 65 1.99 20.82 12.50
C PRO A 65 2.92 21.92 11.97
N ASP A 66 3.57 22.63 12.91
CA ASP A 66 4.51 23.71 12.60
C ASP A 66 5.82 23.18 12.02
N ARG A 67 6.03 21.87 12.15
CA ARG A 67 7.30 21.24 11.77
C ARG A 67 7.53 21.08 10.26
N PHE A 68 6.44 20.92 9.48
CA PHE A 68 6.52 20.93 8.01
C PHE A 68 6.53 22.38 7.52
N SER A 69 7.42 22.69 6.58
CA SER A 69 7.36 23.98 5.93
C SER A 69 7.94 23.93 4.52
N GLY A 70 7.32 24.69 3.63
CA GLY A 70 7.71 24.74 2.22
C GLY A 70 8.45 26.02 1.91
N SER A 71 9.43 25.93 1.02
CA SER A 71 10.22 27.10 0.65
C SER A 71 10.52 27.08 -0.85
N GLY A 72 10.90 28.25 -1.39
CA GLY A 72 11.31 28.38 -2.79
C GLY A 72 10.35 29.19 -3.63
N SER A 73 10.70 29.38 -4.90
CA SER A 73 9.93 30.25 -5.80
C SER A 73 10.19 29.92 -7.27
N GLY A 74 9.13 29.92 -8.07
CA GLY A 74 9.25 29.74 -9.51
C GLY A 74 9.37 28.29 -9.93
N THR A 75 10.61 27.80 -10.01
CA THR A 75 10.89 26.44 -10.49
C THR A 75 11.38 25.48 -9.41
N ASP A 76 12.26 25.97 -8.51
CA ASP A 76 12.88 25.13 -7.49
C ASP A 76 12.22 25.25 -6.11
N PHE A 77 11.82 24.11 -5.54
CA PHE A 77 11.12 24.07 -4.26
C PHE A 77 11.75 23.08 -3.27
N THR A 78 11.34 23.18 -2.01
CA THR A 78 11.86 22.32 -0.93
C THR A 78 10.78 22.11 0.12
N LEU A 79 10.61 20.85 0.53
CA LEU A 79 9.81 20.53 1.71
C LEU A 79 10.78 20.11 2.82
N THR A 80 10.63 20.78 3.96
CA THR A 80 11.50 20.56 5.10
C THR A 80 10.66 20.05 6.25
N ILE A 81 11.01 18.86 6.77
CA ILE A 81 10.38 18.31 7.94
C ILE A 81 11.41 18.30 9.09
N SER A 82 11.31 19.30 9.95
CA SER A 82 12.09 19.32 11.19
C SER A 82 11.35 18.51 12.25
N SER A 83 12.08 17.99 13.22
CA SER A 83 11.51 17.11 14.27
C SER A 83 10.60 16.01 13.73
N LEU A 84 11.16 15.10 12.94
CA LEU A 84 10.43 13.98 12.33
C LEU A 84 9.84 13.05 13.38
N GLN A 85 8.52 13.18 13.58
CA GLN A 85 7.79 12.36 14.55
C GLN A 85 7.67 10.90 14.08
N ALA A 86 6.95 10.10 14.87
CA ALA A 86 6.64 8.72 14.50
C ALA A 86 5.56 8.74 13.42
N GLU A 87 4.60 9.64 13.58
CA GLU A 87 3.44 9.77 12.68
C GLU A 87 3.79 10.33 11.29
N ASP A 88 5.05 10.72 11.08
CA ASP A 88 5.47 11.39 9.85
C ASP A 88 6.09 10.47 8.82
N VAL A 89 5.94 9.16 9.01
CA VAL A 89 6.41 8.17 8.03
C VAL A 89 5.38 8.04 6.90
N ALA A 90 5.82 8.33 5.67
CA ALA A 90 4.93 8.39 4.50
C ALA A 90 5.68 8.70 3.23
N VAL A 91 4.94 8.87 2.13
CA VAL A 91 5.49 9.36 0.87
C VAL A 91 5.00 10.80 0.62
N TYR A 92 5.90 11.63 0.10
CA TYR A 92 5.62 13.04 -0.14
C TYR A 92 5.75 13.36 -1.62
N TYR A 93 4.77 14.10 -2.14
CA TYR A 93 4.73 14.49 -3.55
C TYR A 93 4.64 16.02 -3.67
N CYS A 94 5.19 16.55 -4.75
CA CYS A 94 4.95 17.94 -5.14
C CYS A 94 4.05 17.98 -6.36
N GLN A 95 3.15 18.96 -6.39
CA GLN A 95 2.20 19.13 -7.49
C GLN A 95 2.01 20.61 -7.84
N GLN A 96 2.06 20.91 -9.13
CA GLN A 96 1.78 22.24 -9.63
C GLN A 96 0.31 22.35 -10.02
N TYR A 97 -0.26 23.54 -9.86
CA TYR A 97 -1.63 23.77 -10.31
C TYR A 97 -1.80 25.11 -11.04
N TYR A 98 -0.72 25.52 -11.71
CA TYR A 98 -0.70 26.73 -12.52
C TYR A 98 -1.42 26.53 -13.86
N SER A 99 -1.22 25.36 -14.46
CA SER A 99 -1.83 25.04 -15.74
C SER A 99 -2.22 23.56 -15.83
N THR A 100 -3.51 23.31 -16.01
CA THR A 100 -4.00 21.96 -16.30
C THR A 100 -3.38 21.50 -17.63
N PRO A 101 -2.85 20.27 -17.68
CA PRO A 101 -2.93 19.16 -16.72
C PRO A 101 -2.12 19.37 -15.44
N LEU A 102 -2.77 19.18 -14.29
CA LEU A 102 -2.11 19.13 -12.99
C LEU A 102 -1.14 17.97 -13.00
N THR A 103 0.08 18.21 -12.55
CA THR A 103 1.15 17.22 -12.67
C THR A 103 1.87 17.03 -11.35
N PHE A 104 2.32 15.80 -11.08
CA PHE A 104 2.97 15.43 -9.83
C PHE A 104 4.41 14.99 -10.05
N GLY A 105 5.21 15.07 -8.98
CA GLY A 105 6.49 14.37 -8.93
C GLY A 105 6.25 12.89 -8.68
N GLN A 106 7.31 12.10 -8.78
CA GLN A 106 7.23 10.64 -8.64
C GLN A 106 7.13 10.19 -7.18
N GLY A 107 7.30 11.13 -6.24
CA GLY A 107 7.28 10.81 -4.81
C GLY A 107 8.65 10.63 -4.20
N THR A 108 8.72 10.85 -2.88
CA THR A 108 9.93 10.63 -2.09
C THR A 108 9.54 9.94 -0.80
N LYS A 109 10.02 8.71 -0.62
CA LYS A 109 9.75 7.94 0.61
C LYS A 109 10.59 8.48 1.76
N VAL A 110 9.94 8.68 2.90
CA VAL A 110 10.61 9.19 4.10
C VAL A 110 10.52 8.14 5.20
N GLU A 111 11.61 7.41 5.38
CA GLU A 111 11.73 6.37 6.39
C GLU A 111 12.22 6.98 7.70
N ILE A 112 11.97 6.29 8.82
CA ILE A 112 12.54 6.65 10.11
C ILE A 112 13.81 5.83 10.33
N LYS A 113 14.81 6.44 10.95
CA LYS A 113 16.07 5.76 11.23
C LYS A 113 16.20 5.36 12.70
N ARG A 114 16.71 4.15 12.91
CA ARG A 114 16.85 3.61 14.25
C ARG A 114 18.07 2.69 14.37
N THR A 115 18.35 2.29 15.61
CA THR A 115 19.42 1.34 15.89
C THR A 115 19.08 -0.03 15.32
N VAL A 116 20.08 -0.73 14.80
CA VAL A 116 19.95 -2.14 14.35
C VAL A 116 19.15 -2.94 15.36
N ALA A 117 18.20 -3.72 14.84
CA ALA A 117 17.48 -4.69 15.64
C ALA A 117 17.44 -5.99 14.85
N ALA A 118 17.60 -7.11 15.55
CA ALA A 118 17.71 -8.44 14.92
C ALA A 118 16.34 -9.08 14.75
N PRO A 119 16.16 -9.83 13.64
CA PRO A 119 14.88 -10.51 13.44
C PRO A 119 14.72 -11.69 14.39
N SER A 120 13.53 -11.84 14.96
CA SER A 120 13.18 -13.09 15.62
C SER A 120 12.58 -14.00 14.54
N VAL A 121 13.16 -15.18 14.39
CA VAL A 121 12.85 -16.08 13.28
C VAL A 121 11.97 -17.26 13.69
N PHE A 122 10.93 -17.51 12.90
CA PHE A 122 10.00 -18.63 13.14
C PHE A 122 9.77 -19.42 11.84
N ILE A 123 9.60 -20.74 11.97
CA ILE A 123 9.31 -21.60 10.82
C ILE A 123 8.02 -22.40 11.02
N PHE A 124 7.17 -22.41 9.99
CA PHE A 124 5.93 -23.19 10.00
C PHE A 124 5.92 -24.19 8.85
N PRO A 125 5.74 -25.48 9.16
CA PRO A 125 5.51 -26.46 8.10
C PRO A 125 4.10 -26.28 7.51
N PRO A 126 3.86 -26.80 6.29
CA PRO A 126 2.53 -26.77 5.66
C PRO A 126 1.42 -27.38 6.53
N SER A 127 0.26 -26.73 6.54
CA SER A 127 -0.92 -27.25 7.24
C SER A 127 -1.42 -28.55 6.59
N ASP A 128 -2.13 -29.36 7.36
CA ASP A 128 -2.65 -30.65 6.88
C ASP A 128 -3.67 -30.51 5.76
N GLU A 129 -4.54 -29.51 5.86
CA GLU A 129 -5.58 -29.30 4.83
C GLU A 129 -5.05 -28.78 3.49
N GLN A 130 -3.87 -28.16 3.49
CA GLN A 130 -3.22 -27.75 2.24
C GLN A 130 -2.61 -28.95 1.53
N LEU A 131 -2.00 -29.84 2.31
CA LEU A 131 -1.48 -31.11 1.82
C LEU A 131 -2.59 -31.98 1.20
N LYS A 132 -3.82 -31.78 1.67
CA LYS A 132 -5.01 -32.41 1.07
C LYS A 132 -5.23 -31.94 -0.39
N SER A 133 -5.10 -30.63 -0.62
CA SER A 133 -5.38 -30.03 -1.93
C SER A 133 -4.27 -30.23 -2.97
N GLY A 134 -3.16 -30.86 -2.56
CA GLY A 134 -2.07 -31.17 -3.47
C GLY A 134 -0.87 -30.23 -3.47
N THR A 135 -0.70 -29.44 -2.40
CA THR A 135 0.40 -28.48 -2.33
C THR A 135 0.93 -28.28 -0.90
N ALA A 136 2.22 -27.98 -0.79
CA ALA A 136 2.83 -27.63 0.49
C ALA A 136 3.47 -26.25 0.48
N SER A 137 3.03 -25.39 1.40
CA SER A 137 3.64 -24.07 1.60
C SER A 137 4.40 -24.01 2.91
N VAL A 138 5.72 -23.83 2.81
CA VAL A 138 6.57 -23.70 3.98
C VAL A 138 6.84 -22.20 4.24
N VAL A 139 6.29 -21.68 5.32
CA VAL A 139 6.41 -20.25 5.66
C VAL A 139 7.57 -20.02 6.64
N CYS A 140 8.29 -18.93 6.45
CA CYS A 140 9.34 -18.48 7.37
C CYS A 140 9.14 -16.99 7.76
N LEU A 141 8.93 -16.72 9.04
CA LEU A 141 8.66 -15.36 9.52
C LEU A 141 9.90 -14.71 10.15
N LEU A 142 10.31 -13.56 9.62
CA LEU A 142 11.33 -12.72 10.26
C LEU A 142 10.61 -11.53 10.89
N ASN A 143 10.57 -11.51 12.22
CA ASN A 143 9.74 -10.53 12.94
C ASN A 143 10.54 -9.38 13.55
N ASN A 144 10.09 -8.15 13.28
CA ASN A 144 10.63 -6.91 13.88
C ASN A 144 12.13 -6.69 13.85
N PHE A 145 12.64 -6.38 12.66
CA PHE A 145 14.08 -6.14 12.47
C PHE A 145 14.36 -4.77 11.84
N TYR A 146 15.63 -4.37 11.87
CA TYR A 146 16.09 -3.16 11.21
C TYR A 146 17.60 -3.26 10.95
N PRO A 147 18.07 -2.81 9.77
CA PRO A 147 17.39 -2.22 8.59
C PRO A 147 16.59 -3.25 7.77
N ARG A 148 15.94 -2.78 6.71
CA ARG A 148 15.01 -3.60 5.92
C ARG A 148 15.68 -4.77 5.17
N GLU A 149 16.95 -4.61 4.81
CA GLU A 149 17.67 -5.60 4.02
C GLU A 149 17.93 -6.86 4.82
N ALA A 150 17.60 -8.02 4.24
CA ALA A 150 17.74 -9.30 4.90
C ALA A 150 17.78 -10.43 3.88
N LYS A 151 18.65 -11.39 4.12
CA LYS A 151 18.86 -12.52 3.23
C LYS A 151 18.23 -13.76 3.83
N VAL A 152 17.27 -14.35 3.10
CA VAL A 152 16.63 -15.60 3.50
C VAL A 152 16.97 -16.72 2.52
N GLN A 153 17.73 -17.71 2.97
CA GLN A 153 18.02 -18.88 2.13
C GLN A 153 17.31 -20.13 2.63
N TRP A 154 16.46 -20.68 1.77
CA TRP A 154 15.83 -21.97 2.01
C TRP A 154 16.81 -23.10 1.71
N LYS A 155 16.94 -24.03 2.66
CA LYS A 155 17.78 -25.22 2.46
C LYS A 155 16.93 -26.46 2.69
N VAL A 156 16.91 -27.34 1.69
CA VAL A 156 16.13 -28.57 1.76
C VAL A 156 17.05 -29.79 1.67
N ASP A 157 17.01 -30.62 2.71
CA ASP A 157 18.02 -31.68 2.92
C ASP A 157 19.42 -31.08 2.76
N ASN A 158 19.60 -29.91 3.38
CA ASN A 158 20.78 -29.06 3.26
C ASN A 158 21.19 -28.74 1.80
N ALA A 159 20.26 -28.94 0.87
CA ALA A 159 20.45 -28.54 -0.52
C ALA A 159 19.74 -27.22 -0.77
N LEU A 160 20.49 -26.22 -1.24
CA LEU A 160 20.00 -24.86 -1.44
C LEU A 160 18.81 -24.80 -2.39
N GLN A 161 18.03 -23.72 -2.32
CA GLN A 161 16.89 -23.51 -3.22
C GLN A 161 17.02 -22.23 -4.02
N SER A 162 16.55 -22.27 -5.26
CA SER A 162 16.49 -21.10 -6.13
C SER A 162 15.24 -21.15 -6.99
N GLY A 163 14.55 -20.01 -7.09
CA GLY A 163 13.36 -19.88 -7.94
C GLY A 163 11.99 -20.14 -7.33
N ASN A 164 11.92 -21.02 -6.34
CA ASN A 164 10.63 -21.48 -5.80
C ASN A 164 10.19 -20.83 -4.48
N SER A 165 10.61 -19.59 -4.26
CA SER A 165 10.19 -18.82 -3.08
C SER A 165 9.95 -17.36 -3.41
N GLN A 166 9.03 -16.76 -2.68
CA GLN A 166 8.75 -15.34 -2.77
C GLN A 166 8.73 -14.76 -1.37
N GLU A 167 8.76 -13.44 -1.30
CA GLU A 167 8.68 -12.75 -0.01
C GLU A 167 8.01 -11.39 -0.08
N SER A 168 7.56 -10.92 1.07
CA SER A 168 7.05 -9.56 1.19
C SER A 168 7.39 -8.97 2.55
N VAL A 169 7.65 -7.67 2.56
CA VAL A 169 8.10 -6.96 3.75
C VAL A 169 6.98 -6.02 4.19
N THR A 170 6.63 -6.06 5.47
CA THR A 170 5.70 -5.05 6.02
C THR A 170 6.31 -3.67 5.90
N GLU A 171 5.46 -2.65 5.83
CA GLU A 171 5.94 -1.29 5.76
C GLU A 171 6.58 -0.97 7.10
N GLN A 172 7.49 0.00 7.12
CA GLN A 172 8.11 0.39 8.37
C GLN A 172 7.05 0.63 9.42
N ASP A 173 7.14 -0.13 10.51
CA ASP A 173 6.25 0.04 11.66
C ASP A 173 6.35 1.49 12.13
N SER A 174 5.22 2.07 12.50
CA SER A 174 5.17 3.49 12.90
C SER A 174 5.35 3.73 14.41
N LYS A 175 5.36 2.65 15.19
CA LYS A 175 5.69 2.71 16.62
C LYS A 175 7.19 2.46 16.88
N ASP A 176 7.67 1.22 16.68
CA ASP A 176 9.08 0.88 16.95
C ASP A 176 10.03 0.95 15.73
N SER A 177 9.49 1.40 14.60
CA SER A 177 10.27 1.66 13.36
C SER A 177 10.92 0.42 12.69
N THR A 178 10.50 -0.77 13.10
CA THR A 178 11.06 -2.00 12.56
C THR A 178 10.35 -2.47 11.28
N TYR A 179 10.81 -3.60 10.76
CA TYR A 179 10.21 -4.24 9.61
C TYR A 179 9.98 -5.70 9.93
N SER A 180 9.16 -6.35 9.11
CA SER A 180 8.95 -7.77 9.20
C SER A 180 8.91 -8.37 7.80
N LEU A 181 9.38 -9.60 7.67
CA LEU A 181 9.43 -10.28 6.39
C LEU A 181 8.77 -11.66 6.48
N SER A 182 7.96 -11.98 5.49
CA SER A 182 7.39 -13.31 5.31
C SER A 182 8.01 -13.94 4.07
N SER A 183 8.50 -15.18 4.21
CA SER A 183 9.05 -15.94 3.09
C SER A 183 8.32 -17.29 2.94
N THR A 184 7.77 -17.52 1.73
CA THR A 184 6.98 -18.72 1.45
C THR A 184 7.64 -19.63 0.40
N LEU A 185 7.99 -20.85 0.82
CA LEU A 185 8.49 -21.89 -0.07
C LEU A 185 7.31 -22.70 -0.62
N THR A 186 7.18 -22.76 -1.95
CA THR A 186 6.02 -23.42 -2.56
C THR A 186 6.42 -24.67 -3.34
N LEU A 187 5.93 -25.81 -2.87
CA LEU A 187 6.22 -27.11 -3.46
C LEU A 187 4.93 -27.93 -3.62
N SER A 188 4.91 -28.80 -4.63
CA SER A 188 3.83 -29.77 -4.78
C SER A 188 3.93 -30.83 -3.69
N LYS A 189 2.79 -31.41 -3.32
CA LYS A 189 2.72 -32.52 -2.35
C LYS A 189 3.73 -33.60 -2.73
N ALA A 190 3.70 -34.01 -4.00
CA ALA A 190 4.64 -34.98 -4.56
C ALA A 190 6.11 -34.64 -4.29
N ASP A 191 6.49 -33.39 -4.54
CA ASP A 191 7.88 -32.93 -4.33
C ASP A 191 8.20 -32.63 -2.87
N TYR A 192 7.20 -32.23 -2.09
CA TYR A 192 7.36 -32.05 -0.65
C TYR A 192 7.57 -33.38 0.08
N GLU A 193 6.85 -34.42 -0.37
CA GLU A 193 6.89 -35.74 0.27
C GLU A 193 8.20 -36.51 0.06
N LYS A 194 9.10 -35.93 -0.73
CA LYS A 194 10.40 -36.55 -1.00
C LYS A 194 11.44 -36.30 0.10
N HIS A 195 11.63 -35.03 0.47
CA HIS A 195 12.74 -34.64 1.35
C HIS A 195 12.42 -34.63 2.85
N LYS A 196 13.46 -34.66 3.69
CA LYS A 196 13.30 -34.71 5.14
C LYS A 196 13.50 -33.35 5.84
N VAL A 197 14.65 -32.71 5.59
CA VAL A 197 15.04 -31.49 6.34
C VAL A 197 14.65 -30.19 5.63
N TYR A 198 13.76 -29.42 6.24
CA TYR A 198 13.35 -28.10 5.72
C TYR A 198 13.84 -26.97 6.62
N ALA A 199 14.83 -26.24 6.13
CA ALA A 199 15.51 -25.22 6.92
C ALA A 199 15.41 -23.84 6.28
N CYS A 200 15.13 -22.83 7.10
CA CYS A 200 15.09 -21.42 6.71
C CYS A 200 16.27 -20.67 7.33
N GLU A 201 17.20 -20.20 6.49
CA GLU A 201 18.43 -19.56 6.99
C GLU A 201 18.44 -18.05 6.76
N VAL A 202 18.66 -17.29 7.85
CA VAL A 202 18.52 -15.83 7.86
C VAL A 202 19.84 -15.10 8.14
N THR A 203 20.21 -14.22 7.21
CA THR A 203 21.39 -13.37 7.32
C THR A 203 20.96 -11.89 7.46
N HIS A 204 21.43 -11.23 8.51
CA HIS A 204 21.04 -9.84 8.80
C HIS A 204 22.13 -9.11 9.59
N GLN A 205 22.22 -7.79 9.40
CA GLN A 205 23.24 -6.95 10.07
C GLN A 205 23.24 -7.05 11.59
N GLY A 206 22.08 -7.35 12.17
CA GLY A 206 21.95 -7.47 13.61
C GLY A 206 22.13 -8.89 14.13
N LEU A 207 22.58 -9.80 13.26
CA LEU A 207 22.98 -11.15 13.67
C LEU A 207 24.47 -11.34 13.39
N SER A 208 25.23 -11.74 14.41
CA SER A 208 26.70 -11.92 14.27
C SER A 208 27.04 -13.10 13.36
N SER A 209 26.23 -14.15 13.42
CA SER A 209 26.33 -15.27 12.50
C SER A 209 24.91 -15.66 12.07
N PRO A 210 24.77 -16.17 10.83
CA PRO A 210 23.47 -16.60 10.30
C PRO A 210 22.63 -17.43 11.28
N VAL A 211 21.31 -17.27 11.20
CA VAL A 211 20.40 -18.01 12.06
C VAL A 211 19.54 -18.96 11.22
N THR A 212 19.45 -20.21 11.65
CA THR A 212 18.65 -21.21 10.98
C THR A 212 17.49 -21.65 11.86
N LYS A 213 16.32 -21.83 11.25
CA LYS A 213 15.21 -22.53 11.88
C LYS A 213 14.82 -23.67 10.95
N SER A 214 14.74 -24.88 11.49
CA SER A 214 14.48 -26.07 10.69
C SER A 214 13.43 -26.98 11.31
N PHE A 215 12.81 -27.80 10.47
CA PHE A 215 11.94 -28.89 10.92
C PHE A 215 12.16 -30.10 10.04
N ASN A 216 11.97 -31.29 10.62
CA ASN A 216 12.02 -32.54 9.85
C ASN A 216 10.60 -32.95 9.50
N ARG A 217 10.35 -33.17 8.21
CA ARG A 217 9.02 -33.53 7.69
C ARG A 217 8.29 -34.56 8.57
N GLY A 218 7.24 -34.11 9.24
CA GLY A 218 6.57 -34.87 10.28
C GLY A 218 6.70 -34.15 11.60
N GLU A 219 7.27 -34.81 12.61
CA GLU A 219 7.53 -34.22 13.93
C GLU A 219 6.36 -33.42 14.49
N LEU B 4 -15.78 12.66 0.59
CA LEU B 4 -16.00 12.04 -0.75
C LEU B 4 -15.79 10.51 -0.70
N VAL B 5 -16.90 9.76 -0.65
CA VAL B 5 -16.86 8.30 -0.64
C VAL B 5 -16.88 7.75 -2.08
N GLU B 6 -15.70 7.43 -2.60
CA GLU B 6 -15.54 6.88 -3.96
C GLU B 6 -16.13 5.48 -4.05
N THR B 7 -17.00 5.27 -5.04
CA THR B 7 -17.64 3.95 -5.24
C THR B 7 -17.78 3.61 -6.72
N GLY B 8 -17.97 2.33 -7.02
CA GLY B 8 -18.11 1.85 -8.39
C GLY B 8 -17.09 0.82 -8.83
N GLY B 9 -15.86 0.95 -8.33
CA GLY B 9 -14.74 0.13 -8.79
C GLY B 9 -14.85 -1.35 -8.51
N GLY B 10 -14.22 -2.15 -9.37
CA GLY B 10 -14.18 -3.60 -9.24
C GLY B 10 -13.49 -4.23 -10.44
N LEU B 11 -13.63 -5.56 -10.55
CA LEU B 11 -13.09 -6.31 -11.68
C LEU B 11 -13.87 -6.03 -12.98
N ILE B 12 -13.15 -5.77 -14.07
CA ILE B 12 -13.75 -5.52 -15.39
C ILE B 12 -12.85 -5.96 -16.53
N GLN B 13 -13.48 -6.39 -17.62
CA GLN B 13 -12.77 -6.82 -18.82
C GLN B 13 -12.17 -5.63 -19.56
N PRO B 14 -11.10 -5.88 -20.35
CA PRO B 14 -10.64 -4.91 -21.35
C PRO B 14 -11.73 -4.61 -22.38
N GLY B 15 -11.77 -3.37 -22.86
CA GLY B 15 -12.82 -2.91 -23.77
C GLY B 15 -14.14 -2.70 -23.06
N GLY B 16 -14.25 -3.24 -21.85
CA GLY B 16 -15.43 -3.04 -21.00
C GLY B 16 -15.53 -1.61 -20.49
N SER B 17 -16.51 -1.37 -19.62
CA SER B 17 -16.81 -0.02 -19.15
C SER B 17 -17.36 0.01 -17.73
N LEU B 18 -17.12 1.12 -17.04
CA LEU B 18 -17.54 1.30 -15.65
C LEU B 18 -17.79 2.79 -15.41
N ARG B 19 -18.64 3.10 -14.43
CA ARG B 19 -18.85 4.48 -13.99
C ARG B 19 -18.57 4.59 -12.49
N LEU B 20 -17.72 5.53 -12.12
CA LEU B 20 -17.36 5.72 -10.72
C LEU B 20 -18.18 6.84 -10.09
N SER B 21 -18.83 6.51 -8.97
CA SER B 21 -19.69 7.45 -8.26
C SER B 21 -18.95 8.04 -7.07
N CYS B 22 -19.45 9.16 -6.55
CA CYS B 22 -18.73 9.94 -5.56
C CYS B 22 -19.64 10.76 -4.63
N ALA B 23 -20.10 10.14 -3.54
CA ALA B 23 -20.95 10.82 -2.56
C ALA B 23 -20.20 11.91 -1.79
N ALA B 24 -20.37 13.15 -2.22
CA ALA B 24 -19.59 14.28 -1.69
C ALA B 24 -20.20 14.92 -0.44
N SER B 25 -20.66 14.11 0.50
CA SER B 25 -21.31 14.60 1.72
C SER B 25 -20.32 15.23 2.72
N GLY B 26 -20.39 16.56 2.84
CA GLY B 26 -19.47 17.35 3.66
C GLY B 26 -19.49 18.79 3.23
N PHE B 27 -19.45 19.00 1.91
CA PHE B 27 -19.67 20.31 1.28
C PHE B 27 -20.38 20.08 -0.06
N THR B 28 -21.02 21.13 -0.57
CA THR B 28 -21.86 21.03 -1.77
C THR B 28 -21.03 20.78 -3.04
N VAL B 29 -21.49 19.83 -3.86
CA VAL B 29 -20.86 19.47 -5.15
C VAL B 29 -20.84 20.65 -6.14
N SER B 30 -21.98 21.33 -6.25
CA SER B 30 -22.14 22.45 -7.18
C SER B 30 -21.38 23.71 -6.74
N SER B 31 -21.15 23.81 -5.44
CA SER B 31 -20.40 24.93 -4.85
C SER B 31 -18.89 24.80 -5.09
N ASN B 32 -18.47 23.64 -5.59
CA ASN B 32 -17.04 23.36 -5.78
C ASN B 32 -16.62 22.89 -7.17
N TYR B 33 -15.32 22.94 -7.41
CA TYR B 33 -14.71 22.36 -8.61
C TYR B 33 -14.22 20.96 -8.25
N MET B 34 -14.51 19.99 -9.11
CA MET B 34 -14.28 18.58 -8.80
C MET B 34 -13.38 17.88 -9.83
N SER B 35 -12.73 16.78 -9.42
CA SER B 35 -11.67 16.13 -10.22
C SER B 35 -11.50 14.61 -9.98
N TRP B 36 -10.74 13.97 -10.86
CA TRP B 36 -10.31 12.57 -10.67
C TRP B 36 -8.81 12.45 -10.81
N VAL B 37 -8.21 11.74 -9.86
CA VAL B 37 -6.78 11.45 -9.83
C VAL B 37 -6.64 9.95 -9.52
N ARG B 38 -5.87 9.25 -10.34
CA ARG B 38 -5.67 7.79 -10.20
C ARG B 38 -4.27 7.48 -9.68
N GLN B 39 -4.14 6.33 -9.03
CA GLN B 39 -2.86 5.83 -8.56
C GLN B 39 -2.78 4.33 -8.84
N ALA B 40 -1.95 3.94 -9.80
CA ALA B 40 -1.72 2.52 -10.11
C ALA B 40 -1.03 1.84 -8.91
N PRO B 41 -1.32 0.55 -8.66
CA PRO B 41 -0.71 -0.11 -7.48
C PRO B 41 0.81 0.06 -7.46
N GLY B 42 1.32 0.54 -6.33
CA GLY B 42 2.76 0.78 -6.16
C GLY B 42 3.37 1.99 -6.86
N LYS B 43 2.56 2.78 -7.56
CA LYS B 43 3.11 3.87 -8.37
C LYS B 43 2.75 5.27 -7.88
N GLY B 44 3.14 6.27 -8.65
CA GLY B 44 2.88 7.67 -8.31
C GLY B 44 1.45 8.10 -8.64
N LEU B 45 1.21 9.40 -8.54
CA LEU B 45 -0.13 9.95 -8.77
C LEU B 45 -0.26 10.46 -10.21
N GLU B 46 -1.47 10.36 -10.74
CA GLU B 46 -1.76 10.75 -12.12
C GLU B 46 -3.15 11.39 -12.22
N TRP B 47 -3.14 12.68 -12.50
CA TRP B 47 -4.33 13.46 -12.77
C TRP B 47 -5.04 12.94 -14.04
N VAL B 48 -6.36 12.86 -13.99
CA VAL B 48 -7.18 12.30 -15.08
C VAL B 48 -8.02 13.35 -15.80
N SER B 49 -8.87 14.04 -15.06
CA SER B 49 -9.92 14.88 -15.63
C SER B 49 -10.37 15.99 -14.67
N VAL B 50 -10.93 17.05 -15.24
CA VAL B 50 -11.50 18.16 -14.46
C VAL B 50 -12.87 18.61 -14.97
N ILE B 51 -13.82 18.77 -14.04
CA ILE B 51 -15.08 19.46 -14.34
C ILE B 51 -15.20 20.70 -13.44
N TYR B 52 -15.24 21.86 -14.07
CA TYR B 52 -15.34 23.12 -13.35
C TYR B 52 -16.77 23.36 -12.86
N SER B 53 -16.90 24.11 -11.77
CA SER B 53 -18.19 24.52 -11.23
C SER B 53 -19.02 25.23 -12.31
N GLY B 54 -18.32 25.91 -13.21
CA GLY B 54 -18.94 26.49 -14.42
C GLY B 54 -19.47 25.43 -15.35
N GLY B 55 -18.59 24.54 -15.82
CA GLY B 55 -19.01 23.40 -16.64
C GLY B 55 -17.98 22.88 -17.64
N SER B 56 -16.92 23.65 -17.87
CA SER B 56 -15.86 23.29 -18.83
C SER B 56 -15.07 22.05 -18.39
N THR B 57 -14.53 21.31 -19.35
CA THR B 57 -13.82 20.05 -19.06
C THR B 57 -12.51 19.86 -19.84
N TYR B 58 -11.48 19.37 -19.14
CA TYR B 58 -10.19 19.00 -19.74
C TYR B 58 -9.79 17.59 -19.31
N TYR B 59 -8.89 16.96 -20.07
CA TYR B 59 -8.46 15.57 -19.83
C TYR B 59 -6.96 15.40 -20.01
N ALA B 60 -6.41 14.35 -19.39
CA ALA B 60 -5.03 13.96 -19.62
C ALA B 60 -4.93 13.21 -20.95
N ASP B 61 -3.80 13.36 -21.63
CA ASP B 61 -3.53 12.69 -22.91
C ASP B 61 -4.17 11.30 -23.00
N SER B 62 -3.78 10.42 -22.07
CA SER B 62 -4.11 9.00 -22.12
C SER B 62 -5.58 8.63 -21.85
N VAL B 63 -6.41 9.63 -21.57
CA VAL B 63 -7.81 9.35 -21.23
C VAL B 63 -8.81 10.14 -22.09
N LYS B 64 -8.31 11.03 -22.94
CA LYS B 64 -9.16 11.88 -23.78
C LYS B 64 -9.98 11.05 -24.77
N GLY B 65 -11.30 11.25 -24.74
CA GLY B 65 -12.22 10.50 -25.59
C GLY B 65 -12.70 9.23 -24.92
N ARG B 66 -11.76 8.44 -24.41
CA ARG B 66 -12.04 7.19 -23.72
C ARG B 66 -12.80 7.43 -22.40
N PHE B 67 -12.47 8.53 -21.73
CA PHE B 67 -13.08 8.90 -20.46
C PHE B 67 -13.97 10.12 -20.62
N THR B 68 -15.07 10.17 -19.85
CA THR B 68 -15.93 11.35 -19.86
C THR B 68 -16.46 11.65 -18.45
N ILE B 69 -16.04 12.80 -17.91
CA ILE B 69 -16.50 13.24 -16.59
C ILE B 69 -17.91 13.84 -16.66
N SER B 70 -18.73 13.51 -15.66
CA SER B 70 -20.13 13.95 -15.62
C SER B 70 -20.58 14.29 -14.20
N ARG B 71 -21.52 15.23 -14.11
CA ARG B 71 -22.04 15.70 -12.83
C ARG B 71 -23.43 16.34 -12.99
N ASP B 72 -24.38 15.88 -12.19
CA ASP B 72 -25.71 16.50 -12.09
C ASP B 72 -26.10 16.52 -10.62
N ASN B 73 -26.31 17.73 -10.08
CA ASN B 73 -26.49 17.95 -8.64
C ASN B 73 -27.72 17.27 -8.04
N SER B 74 -27.62 15.95 -7.84
CA SER B 74 -28.72 15.16 -7.28
C SER B 74 -28.63 15.10 -5.75
N LYS B 75 -28.13 13.99 -5.21
CA LYS B 75 -27.91 13.84 -3.76
C LYS B 75 -26.42 13.82 -3.44
N ASN B 76 -25.72 14.88 -3.88
CA ASN B 76 -24.26 15.01 -3.79
C ASN B 76 -23.48 13.86 -4.44
N THR B 77 -23.19 14.00 -5.73
CA THR B 77 -22.47 12.96 -6.47
C THR B 77 -21.66 13.52 -7.64
N LEU B 78 -20.46 12.98 -7.84
CA LEU B 78 -19.62 13.21 -9.02
C LEU B 78 -19.38 11.88 -9.74
N TYR B 79 -19.16 11.94 -11.05
CA TYR B 79 -18.99 10.73 -11.87
C TYR B 79 -17.85 10.82 -12.88
N LEU B 80 -17.19 9.68 -13.10
CA LEU B 80 -16.28 9.51 -14.24
C LEU B 80 -16.75 8.29 -15.02
N GLN B 81 -17.00 8.51 -16.32
CA GLN B 81 -17.40 7.43 -17.20
C GLN B 81 -16.19 6.95 -17.96
N MET B 82 -15.88 5.67 -17.79
CA MET B 82 -14.71 5.06 -18.43
C MET B 82 -15.15 4.02 -19.44
N ASN B 83 -14.76 4.21 -20.70
CA ASN B 83 -15.03 3.27 -21.77
C ASN B 83 -13.74 2.80 -22.43
N SER B 84 -13.85 1.75 -23.25
CA SER B 84 -12.70 1.12 -23.90
C SER B 84 -11.49 1.06 -22.97
N LEU B 85 -11.67 0.36 -21.85
CA LEU B 85 -10.68 0.29 -20.78
C LEU B 85 -9.51 -0.62 -21.15
N ARG B 86 -8.29 -0.10 -20.96
CA ARG B 86 -7.06 -0.86 -21.17
C ARG B 86 -6.51 -1.31 -19.81
N ALA B 87 -5.50 -2.18 -19.82
CA ALA B 87 -4.87 -2.66 -18.58
C ALA B 87 -4.08 -1.57 -17.84
N GLU B 88 -3.63 -0.56 -18.58
CA GLU B 88 -2.88 0.55 -17.99
C GLU B 88 -3.73 1.44 -17.07
N ASP B 89 -5.04 1.26 -17.15
CA ASP B 89 -6.00 2.03 -16.36
C ASP B 89 -6.24 1.45 -14.96
N THR B 90 -5.68 0.26 -14.72
CA THR B 90 -5.73 -0.37 -13.40
C THR B 90 -5.12 0.54 -12.33
N ALA B 91 -5.92 0.88 -11.33
CA ALA B 91 -5.54 1.89 -10.35
C ALA B 91 -6.62 2.05 -9.29
N VAL B 92 -6.24 2.70 -8.18
CA VAL B 92 -7.19 3.26 -7.22
C VAL B 92 -7.54 4.67 -7.74
N TYR B 93 -8.83 4.94 -7.93
CA TYR B 93 -9.28 6.26 -8.42
C TYR B 93 -9.81 7.13 -7.27
N TYR B 94 -9.37 8.38 -7.23
CA TYR B 94 -9.72 9.32 -6.15
C TYR B 94 -10.50 10.53 -6.67
N CYS B 95 -11.48 10.97 -5.88
CA CYS B 95 -12.14 12.25 -6.11
C CYS B 95 -11.35 13.34 -5.40
N ALA B 96 -10.97 14.36 -6.15
CA ALA B 96 -10.25 15.49 -5.57
C ALA B 96 -11.08 16.77 -5.67
N ARG B 97 -11.50 17.27 -4.52
CA ARG B 97 -12.20 18.56 -4.43
C ARG B 97 -11.21 19.73 -4.44
N TYR B 98 -11.49 20.72 -5.27
CA TYR B 98 -10.72 21.95 -5.31
C TYR B 98 -11.19 22.89 -4.20
N ASP B 99 -10.41 23.94 -3.95
CA ASP B 99 -10.79 25.02 -3.04
C ASP B 99 -10.56 26.34 -3.78
N GLY B 100 -11.35 26.56 -4.83
CA GLY B 100 -11.21 27.72 -5.70
C GLY B 100 -11.32 27.36 -7.18
N ILE B 101 -11.37 28.38 -8.02
CA ILE B 101 -11.47 28.21 -9.47
C ILE B 101 -10.16 27.69 -10.03
N TYR B 102 -9.13 28.53 -10.02
CA TYR B 102 -7.78 28.11 -10.34
C TYR B 102 -7.18 27.39 -9.13
N GLY B 103 -7.81 27.56 -7.97
CA GLY B 103 -7.36 26.96 -6.71
C GLY B 103 -7.46 25.44 -6.69
N GLU B 104 -6.38 24.79 -7.10
CA GLU B 104 -6.34 23.31 -7.21
C GLU B 104 -5.61 22.62 -6.05
N LEU B 105 -5.75 23.14 -4.84
CA LEU B 105 -5.33 22.44 -3.64
C LEU B 105 -6.32 21.28 -3.49
N ASP B 106 -5.83 20.04 -3.61
CA ASP B 106 -6.70 18.87 -3.68
C ASP B 106 -7.10 18.30 -2.31
N PHE B 107 -8.39 18.00 -2.16
CA PHE B 107 -8.95 17.38 -0.95
C PHE B 107 -9.69 16.08 -1.31
N TRP B 108 -9.50 15.04 -0.51
CA TRP B 108 -9.85 13.66 -0.92
C TRP B 108 -10.76 12.88 0.03
N GLY B 109 -11.02 11.62 -0.31
CA GLY B 109 -11.88 10.72 0.48
C GLY B 109 -11.20 9.42 0.90
N GLN B 110 -11.35 8.35 0.11
CA GLN B 110 -10.71 7.05 0.40
C GLN B 110 -10.28 6.24 -0.85
N GLY B 111 -10.95 6.46 -1.98
CA GLY B 111 -10.57 5.85 -3.26
C GLY B 111 -11.24 4.54 -3.59
N THR B 112 -11.39 4.26 -4.89
CA THR B 112 -12.02 3.01 -5.36
C THR B 112 -11.14 2.25 -6.37
N LEU B 113 -10.94 0.95 -6.15
CA LEU B 113 -10.01 0.12 -6.94
C LEU B 113 -10.63 -0.45 -8.21
N VAL B 114 -10.01 -0.13 -9.34
CA VAL B 114 -10.40 -0.65 -10.66
C VAL B 114 -9.32 -1.58 -11.19
N THR B 115 -9.68 -2.86 -11.38
CA THR B 115 -8.76 -3.82 -11.97
C THR B 115 -9.25 -4.21 -13.38
N VAL B 116 -8.44 -3.94 -14.40
CA VAL B 116 -8.79 -4.29 -15.78
C VAL B 116 -8.14 -5.62 -16.15
N SER B 117 -8.92 -6.68 -15.94
CA SER B 117 -8.45 -8.05 -16.15
C SER B 117 -9.60 -8.86 -16.76
N SER B 118 -9.25 -9.74 -17.69
CA SER B 118 -10.23 -10.63 -18.31
C SER B 118 -10.57 -11.81 -17.40
N ALA B 119 -9.84 -11.93 -16.29
CA ALA B 119 -9.98 -13.10 -15.42
C ALA B 119 -11.21 -13.01 -14.53
N SER B 120 -11.67 -14.18 -14.09
CA SER B 120 -12.82 -14.25 -13.23
C SER B 120 -12.36 -14.19 -11.78
N THR B 121 -13.26 -13.77 -10.90
CA THR B 121 -12.97 -13.64 -9.50
C THR B 121 -12.69 -15.02 -8.91
N LYS B 122 -11.70 -15.08 -8.03
CA LYS B 122 -11.44 -16.29 -7.28
C LYS B 122 -11.25 -15.90 -5.82
N GLY B 123 -11.94 -16.61 -4.93
CA GLY B 123 -11.86 -16.38 -3.50
C GLY B 123 -10.75 -17.21 -2.92
N PRO B 124 -10.15 -16.74 -1.80
CA PRO B 124 -9.04 -17.42 -1.14
C PRO B 124 -9.40 -18.71 -0.43
N SER B 125 -8.37 -19.53 -0.22
CA SER B 125 -8.40 -20.63 0.73
C SER B 125 -7.55 -20.20 1.92
N VAL B 126 -8.01 -20.48 3.13
CA VAL B 126 -7.32 -20.02 4.34
C VAL B 126 -6.75 -21.18 5.17
N PHE B 127 -5.42 -21.29 5.17
CA PHE B 127 -4.73 -22.32 5.94
C PHE B 127 -4.08 -21.73 7.20
N PRO B 128 -3.95 -22.53 8.27
CA PRO B 128 -3.39 -22.02 9.52
C PRO B 128 -1.87 -22.18 9.63
N LEU B 129 -1.24 -21.20 10.27
CA LEU B 129 0.17 -21.27 10.58
C LEU B 129 0.31 -21.55 12.08
N ALA B 130 0.64 -22.79 12.40
CA ALA B 130 0.53 -23.31 13.77
C ALA B 130 1.64 -22.86 14.72
N PRO B 131 1.29 -22.46 15.95
CA PRO B 131 2.30 -22.11 16.97
C PRO B 131 3.02 -23.34 17.49
N GLY B 138 9.58 -21.00 27.94
CA GLY B 138 9.26 -20.29 26.71
C GLY B 138 8.92 -18.82 26.91
N GLY B 139 9.16 -18.02 25.87
CA GLY B 139 8.90 -16.58 25.90
C GLY B 139 7.80 -16.15 24.96
N THR B 140 8.13 -16.03 23.67
CA THR B 140 7.16 -15.64 22.63
C THR B 140 7.02 -16.70 21.55
N ALA B 141 5.77 -17.10 21.28
CA ALA B 141 5.44 -17.96 20.15
C ALA B 141 4.68 -17.20 19.06
N ALA B 142 4.98 -17.51 17.80
CA ALA B 142 4.32 -16.88 16.65
C ALA B 142 3.31 -17.82 15.99
N LEU B 143 2.25 -17.25 15.44
CA LEU B 143 1.23 -18.01 14.70
C LEU B 143 0.60 -17.12 13.63
N GLY B 144 -0.18 -17.72 12.72
CA GLY B 144 -0.82 -16.93 11.66
C GLY B 144 -1.78 -17.63 10.71
N CYS B 145 -2.15 -16.91 9.64
CA CYS B 145 -3.00 -17.43 8.57
C CYS B 145 -2.39 -17.23 7.20
N LEU B 146 -2.42 -18.27 6.38
CA LEU B 146 -1.99 -18.16 4.99
C LEU B 146 -3.21 -18.06 4.11
N VAL B 147 -3.36 -16.91 3.47
CA VAL B 147 -4.50 -16.60 2.64
C VAL B 147 -4.06 -16.75 1.18
N LYS B 148 -4.30 -17.93 0.62
CA LYS B 148 -3.72 -18.31 -0.66
C LYS B 148 -4.71 -18.24 -1.84
N ASP B 149 -4.16 -17.97 -3.03
CA ASP B 149 -4.86 -18.16 -4.31
C ASP B 149 -6.13 -17.34 -4.51
N TYR B 150 -6.01 -16.03 -4.40
CA TYR B 150 -7.15 -15.16 -4.63
C TYR B 150 -6.92 -14.20 -5.77
N PHE B 151 -8.01 -13.74 -6.38
CA PHE B 151 -7.98 -12.71 -7.42
C PHE B 151 -9.33 -12.03 -7.46
N PRO B 152 -9.35 -10.69 -7.59
CA PRO B 152 -8.22 -9.76 -7.49
C PRO B 152 -7.95 -9.31 -6.05
N GLU B 153 -7.11 -8.29 -5.90
CA GLU B 153 -6.91 -7.61 -4.62
C GLU B 153 -8.20 -6.83 -4.27
N PRO B 154 -8.43 -6.53 -2.97
CA PRO B 154 -7.63 -6.84 -1.78
C PRO B 154 -8.27 -7.89 -0.87
N VAL B 155 -7.50 -8.35 0.11
CA VAL B 155 -8.04 -9.08 1.25
C VAL B 155 -7.71 -8.32 2.54
N THR B 156 -8.64 -8.34 3.50
CA THR B 156 -8.36 -7.85 4.84
C THR B 156 -8.33 -9.03 5.81
N VAL B 157 -7.42 -8.97 6.79
CA VAL B 157 -7.35 -9.99 7.83
C VAL B 157 -7.33 -9.27 9.17
N SER B 158 -8.24 -9.66 10.06
CA SER B 158 -8.22 -9.20 11.44
C SER B 158 -8.07 -10.40 12.37
N TRP B 159 -7.80 -10.12 13.64
CA TRP B 159 -7.60 -11.16 14.64
C TRP B 159 -8.54 -10.96 15.82
N ASN B 160 -9.25 -12.03 16.19
CA ASN B 160 -10.26 -11.99 17.24
C ASN B 160 -11.26 -10.84 17.05
N SER B 161 -11.76 -10.72 15.82
CA SER B 161 -12.75 -9.71 15.42
C SER B 161 -12.33 -8.26 15.71
N GLY B 162 -11.03 -8.01 15.68
CA GLY B 162 -10.48 -6.66 15.87
C GLY B 162 -10.03 -6.39 17.30
N ALA B 163 -10.15 -7.41 18.15
CA ALA B 163 -9.72 -7.31 19.55
C ALA B 163 -8.21 -7.47 19.71
N LEU B 164 -7.62 -8.28 18.83
CA LEU B 164 -6.19 -8.57 18.85
C LEU B 164 -5.47 -7.80 17.74
N THR B 165 -4.72 -6.78 18.15
CA THR B 165 -4.01 -5.91 17.22
C THR B 165 -2.53 -5.79 17.54
N SER B 166 -2.16 -6.08 18.78
CA SER B 166 -0.77 -6.06 19.21
C SER B 166 -0.01 -7.28 18.69
N GLY B 167 1.07 -7.01 17.96
CA GLY B 167 1.92 -8.07 17.42
C GLY B 167 1.49 -8.56 16.06
N VAL B 168 0.39 -8.00 15.55
CA VAL B 168 -0.21 -8.42 14.29
C VAL B 168 0.52 -7.81 13.10
N HIS B 169 1.05 -8.66 12.22
CA HIS B 169 1.61 -8.21 10.94
C HIS B 169 0.86 -8.87 9.80
N THR B 170 0.28 -8.04 8.94
CA THR B 170 -0.38 -8.52 7.73
C THR B 170 0.42 -8.06 6.51
N PHE B 171 1.06 -9.03 5.85
CA PHE B 171 1.98 -8.75 4.76
C PHE B 171 1.31 -8.35 3.46
N PRO B 172 1.98 -7.47 2.68
CA PRO B 172 1.50 -7.15 1.35
C PRO B 172 1.42 -8.42 0.51
N ALA B 173 0.47 -8.44 -0.42
CA ALA B 173 0.17 -9.63 -1.19
C ALA B 173 1.29 -9.91 -2.20
N VAL B 174 1.67 -11.17 -2.33
CA VAL B 174 2.62 -11.55 -3.37
C VAL B 174 1.91 -12.19 -4.56
N LEU B 175 2.11 -11.60 -5.72
CA LEU B 175 1.64 -12.16 -6.97
C LEU B 175 2.47 -13.40 -7.27
N GLN B 176 1.82 -14.57 -7.32
CA GLN B 176 2.49 -15.85 -7.57
C GLN B 176 2.70 -16.12 -9.08
N SER B 177 3.37 -17.22 -9.41
CA SER B 177 3.61 -17.58 -10.81
C SER B 177 2.32 -17.99 -11.53
N SER B 178 1.37 -18.53 -10.78
CA SER B 178 0.03 -18.89 -11.29
C SER B 178 -0.83 -17.67 -11.57
N GLY B 179 -0.41 -16.51 -11.07
CA GLY B 179 -1.10 -15.25 -11.30
C GLY B 179 -2.14 -14.91 -10.25
N LEU B 180 -2.34 -15.81 -9.30
CA LEU B 180 -3.22 -15.57 -8.16
C LEU B 180 -2.41 -15.03 -6.99
N TYR B 181 -3.06 -14.19 -6.19
CA TYR B 181 -2.43 -13.57 -5.05
C TYR B 181 -2.38 -14.46 -3.82
N SER B 182 -1.45 -14.12 -2.93
CA SER B 182 -1.25 -14.86 -1.71
C SER B 182 -0.70 -13.89 -0.67
N LEU B 183 -1.20 -13.98 0.56
CA LEU B 183 -0.58 -13.25 1.68
C LEU B 183 -0.67 -14.01 3.01
N SER B 184 0.10 -13.55 3.99
CA SER B 184 0.07 -14.15 5.32
C SER B 184 -0.14 -13.08 6.38
N SER B 185 -0.82 -13.47 7.45
CA SER B 185 -1.05 -12.59 8.59
C SER B 185 -0.55 -13.31 9.83
N VAL B 186 0.35 -12.65 10.57
CA VAL B 186 1.01 -13.28 11.70
C VAL B 186 0.84 -12.46 12.98
N VAL B 187 0.86 -13.15 14.11
CA VAL B 187 0.77 -12.52 15.41
C VAL B 187 1.78 -13.15 16.37
N THR B 188 2.42 -12.32 17.19
CA THR B 188 3.25 -12.82 18.29
C THR B 188 2.45 -12.76 19.60
N VAL B 189 2.40 -13.89 20.30
CA VAL B 189 1.67 -14.03 21.56
C VAL B 189 2.57 -14.73 22.60
N PRO B 190 2.25 -14.62 23.91
CA PRO B 190 2.98 -15.38 24.91
C PRO B 190 2.75 -16.88 24.73
N SER B 191 3.79 -17.68 24.95
CA SER B 191 3.72 -19.14 24.83
C SER B 191 2.75 -19.75 25.83
N SER B 192 2.75 -19.21 27.05
CA SER B 192 1.92 -19.72 28.15
C SER B 192 0.40 -19.62 27.90
N SER B 193 0.00 -18.68 27.03
CA SER B 193 -1.40 -18.49 26.69
C SER B 193 -1.74 -19.08 25.31
N LEU B 194 -1.44 -20.37 25.12
CA LEU B 194 -1.74 -21.05 23.86
C LEU B 194 -2.93 -22.00 23.95
N GLY B 195 -2.90 -22.91 24.92
CA GLY B 195 -4.00 -23.86 25.13
C GLY B 195 -5.10 -23.37 26.04
N THR B 196 -5.31 -22.06 26.08
CA THR B 196 -6.34 -21.42 26.92
C THR B 196 -7.10 -20.30 26.20
N GLN B 197 -6.38 -19.47 25.45
CA GLN B 197 -6.97 -18.36 24.69
C GLN B 197 -7.18 -18.77 23.22
N THR B 198 -8.31 -18.37 22.65
CA THR B 198 -8.68 -18.71 21.27
C THR B 198 -8.13 -17.70 20.26
N TYR B 199 -7.54 -18.21 19.17
CA TYR B 199 -7.05 -17.36 18.09
C TYR B 199 -7.70 -17.70 16.74
N ILE B 200 -8.52 -16.77 16.26
CA ILE B 200 -9.19 -16.88 14.97
C ILE B 200 -8.80 -15.68 14.11
N CYS B 201 -8.39 -15.95 12.88
CA CYS B 201 -8.19 -14.87 11.91
C CYS B 201 -9.46 -14.71 11.10
N ASN B 202 -9.87 -13.46 10.91
CA ASN B 202 -11.05 -13.16 10.13
C ASN B 202 -10.68 -12.64 8.73
N VAL B 203 -10.72 -13.56 7.77
CA VAL B 203 -10.36 -13.28 6.38
C VAL B 203 -11.57 -12.80 5.58
N ASN B 204 -11.42 -11.64 4.94
CA ASN B 204 -12.46 -11.07 4.11
C ASN B 204 -11.93 -10.79 2.71
N HIS B 205 -12.50 -11.45 1.71
CA HIS B 205 -12.21 -11.13 0.32
C HIS B 205 -13.50 -10.71 -0.38
N LYS B 206 -13.74 -9.40 -0.37
CA LYS B 206 -15.00 -8.82 -0.83
C LYS B 206 -15.30 -8.98 -2.32
N PRO B 207 -14.29 -8.85 -3.21
CA PRO B 207 -14.53 -9.06 -4.65
C PRO B 207 -15.23 -10.37 -5.04
N SER B 208 -15.08 -11.40 -4.22
CA SER B 208 -15.79 -12.67 -4.41
C SER B 208 -16.74 -13.00 -3.25
N ASN B 209 -17.14 -11.97 -2.49
CA ASN B 209 -18.02 -12.14 -1.32
C ASN B 209 -17.65 -13.28 -0.37
N THR B 210 -16.35 -13.53 -0.24
CA THR B 210 -15.85 -14.61 0.61
C THR B 210 -15.49 -14.09 1.99
N LYS B 211 -15.91 -14.84 3.01
CA LYS B 211 -15.58 -14.57 4.39
C LYS B 211 -15.24 -15.89 5.07
N VAL B 212 -14.01 -15.99 5.60
CA VAL B 212 -13.54 -17.19 6.25
C VAL B 212 -13.04 -16.86 7.66
N ASP B 213 -13.34 -17.74 8.61
CA ASP B 213 -12.85 -17.60 9.97
C ASP B 213 -12.17 -18.91 10.37
N LYS B 214 -10.92 -18.81 10.83
CA LYS B 214 -10.07 -19.97 11.05
C LYS B 214 -9.53 -20.03 12.47
N LYS B 215 -9.81 -21.15 13.16
CA LYS B 215 -9.16 -21.46 14.43
C LYS B 215 -7.72 -21.82 14.16
N VAL B 216 -6.79 -21.19 14.89
CA VAL B 216 -5.38 -21.53 14.76
C VAL B 216 -4.92 -22.27 16.02
N GLU B 217 -4.88 -23.60 15.93
CA GLU B 217 -4.53 -24.47 17.06
C GLU B 217 -3.06 -24.89 17.04
N PRO B 218 -2.46 -25.09 18.23
CA PRO B 218 -1.13 -25.69 18.32
C PRO B 218 -1.19 -27.22 18.27
#